data_8K0U
#
_entry.id   8K0U
#
_cell.length_a   49.102
_cell.length_b   49.102
_cell.length_c   51.657
_cell.angle_alpha   90.000
_cell.angle_beta   90.000
_cell.angle_gamma   120.000
#
_symmetry.space_group_name_H-M   'P 32 2 1'
#
loop_
_entity.id
_entity.type
_entity.pdbx_description
1 polymer 'DNA (29-MER)'
2 non-polymer HYPOXANTHINE
3 non-polymer 'SODIUM ION'
4 non-polymer 'POTASSIUM ION'
5 water water
#
_entity_poly.entity_id   1
_entity_poly.type   'polydeoxyribonucleotide'
_entity_poly.pdbx_seq_one_letter_code
;(DG)(DC)(DG)(DG)(DT)(DG)(DG)(DT)(DC)(DT)(DA)(DT)(DT)(DC)(DA)(DT)(DA)(DG)(DG)(DC)
(DG)(DT)(DC)(DC)(DG)(DC)(DC)(DG)(DC)
;
_entity_poly.pdbx_strand_id   A
#